data_3TPK
#
_entry.id   3TPK
#
_cell.length_a   30.921
_cell.length_b   38.659
_cell.length_c   94.412
_cell.angle_alpha   90.000
_cell.angle_beta   90.000
_cell.angle_gamma   90.000
#
_symmetry.space_group_name_H-M   'P 21 21 21'
#
loop_
_entity.id
_entity.type
_entity.pdbx_description
1 polymer 'Immunoglobulin heavy chain antibody variable domain KW1'
2 non-polymer BENZAMIDINE
3 non-polymer 1,2-ETHANEDIOL
4 water water
#
_entity_poly.entity_id   1
_entity_poly.type   'polypeptide(L)'
_entity_poly.pdbx_seq_one_letter_code
;DYKDEVQLVESGGGSVQPGGSLRLSCTASGYTFSQEFVIWFRQAPGKEREIVSGISLRKGWTYYADSVKGRFTISQDNAK
NTVYLQMNNLKPEDTAMYYCAAAPTATHALYFDYWGQGTQVTVSSASGADHHHHHH
;
_entity_poly.pdbx_strand_id   A
#
loop_
_chem_comp.id
_chem_comp.type
_chem_comp.name
_chem_comp.formula
BEN non-polymer BENZAMIDINE 'C7 H8 N2'
EDO non-polymer 1,2-ETHANEDIOL 'C2 H6 O2'
#
# COMPACT_ATOMS: atom_id res chain seq x y z
N GLU A 5 -14.98 9.01 10.27
CA GLU A 5 -15.06 9.71 8.97
C GLU A 5 -13.74 9.82 8.21
N VAL A 6 -13.15 8.69 8.02
CA VAL A 6 -11.99 8.52 7.13
C VAL A 6 -12.27 7.33 6.25
N GLN A 7 -12.03 7.53 4.94
CA GLN A 7 -12.13 6.42 4.04
C GLN A 7 -10.99 6.43 3.01
N LEU A 8 -10.45 5.23 2.81
CA LEU A 8 -9.38 5.05 1.85
C LEU A 8 -9.87 4.17 0.71
N VAL A 9 -9.41 4.48 -0.52
CA VAL A 9 -9.88 3.72 -1.70
C VAL A 9 -8.64 3.35 -2.51
N GLU A 10 -8.46 2.06 -2.74
CA GLU A 10 -7.27 1.58 -3.48
C GLU A 10 -7.61 1.39 -4.96
N SER A 11 -6.63 1.66 -5.82
CA SER A 11 -6.82 1.39 -7.25
C SER A 11 -5.45 1.20 -7.86
N GLY A 12 -5.45 0.81 -9.14
CA GLY A 12 -4.19 0.71 -9.91
C GLY A 12 -3.66 -0.69 -10.13
N GLY A 13 -4.37 -1.70 -9.62
CA GLY A 13 -3.90 -3.10 -9.82
C GLY A 13 -4.06 -3.58 -11.26
N GLY A 14 -3.68 -4.81 -11.52
CA GLY A 14 -3.79 -5.37 -12.84
C GLY A 14 -2.89 -6.57 -12.92
N SER A 15 -2.95 -7.18 -14.10
N SER A 15 -2.81 -7.07 -14.14
CA SER A 15 -2.07 -8.32 -14.44
CA SER A 15 -2.01 -8.23 -14.47
C SER A 15 -0.84 -7.85 -15.22
C SER A 15 -0.77 -7.78 -15.23
N VAL A 16 0.35 -8.25 -14.80
N VAL A 16 0.39 -8.24 -14.83
CA VAL A 16 1.61 -7.83 -15.45
CA VAL A 16 1.65 -7.81 -15.41
C VAL A 16 2.53 -9.01 -15.58
C VAL A 16 2.58 -8.98 -15.54
N GLN A 17 3.40 -8.89 -16.56
CA GLN A 17 4.43 -9.87 -16.75
C GLN A 17 5.52 -9.81 -15.63
N PRO A 18 6.18 -10.93 -15.25
CA PRO A 18 7.32 -10.82 -14.36
C PRO A 18 8.34 -9.78 -14.84
N GLY A 19 8.83 -8.96 -13.91
CA GLY A 19 9.73 -7.88 -14.23
C GLY A 19 8.98 -6.55 -14.47
N GLY A 20 7.64 -6.58 -14.60
CA GLY A 20 6.89 -5.39 -14.92
C GLY A 20 6.61 -4.48 -13.74
N SER A 21 5.72 -3.52 -14.01
CA SER A 21 5.59 -2.35 -13.16
C SER A 21 4.13 -1.96 -13.05
N LEU A 22 3.72 -1.51 -11.84
CA LEU A 22 2.38 -0.97 -11.61
C LEU A 22 2.52 0.14 -10.58
N ARG A 23 1.62 1.10 -10.60
CA ARG A 23 1.56 2.10 -9.52
C ARG A 23 0.20 2.03 -8.86
N LEU A 24 0.15 1.64 -7.59
CA LEU A 24 -1.10 1.62 -6.85
C LEU A 24 -1.36 2.98 -6.22
N SER A 25 -2.64 3.33 -6.08
CA SER A 25 -3.03 4.59 -5.38
C SER A 25 -3.92 4.25 -4.23
N CYS A 26 -3.74 5.06 -3.17
CA CYS A 26 -4.56 5.00 -1.94
C CYS A 26 -5.11 6.39 -1.78
N THR A 27 -6.36 6.62 -2.18
CA THR A 27 -6.96 7.96 -2.20
C THR A 27 -7.81 8.09 -0.95
N ALA A 28 -7.50 9.13 -0.17
CA ALA A 28 -8.14 9.31 1.17
C ALA A 28 -9.20 10.39 1.07
N SER A 29 -10.23 10.25 1.85
CA SER A 29 -11.20 11.34 2.01
C SER A 29 -11.69 11.35 3.46
N GLY A 30 -12.30 12.45 3.84
CA GLY A 30 -12.72 12.69 5.22
C GLY A 30 -11.75 13.52 6.01
N TYR A 31 -11.82 13.40 7.31
CA TYR A 31 -11.01 14.22 8.23
C TYR A 31 -9.74 13.46 8.52
N THR A 32 -8.88 13.45 7.51
CA THR A 32 -7.73 12.60 7.52
C THR A 32 -6.52 13.17 8.25
N PHE A 33 -6.63 14.38 8.78
CA PHE A 33 -5.44 14.98 9.39
C PHE A 33 -4.85 14.16 10.58
N SER A 34 -5.68 13.40 11.29
CA SER A 34 -5.17 12.63 12.43
C SER A 34 -4.36 11.41 12.00
N GLN A 35 -4.43 10.99 10.74
CA GLN A 35 -3.95 9.68 10.28
C GLN A 35 -2.58 9.85 9.64
N GLU A 36 -1.59 10.09 10.49
CA GLU A 36 -0.24 10.45 10.07
C GLU A 36 0.59 9.38 9.48
N PHE A 37 0.23 8.14 9.73
CA PHE A 37 1.02 6.99 9.20
C PHE A 37 0.12 6.22 8.26
N VAL A 38 0.71 5.83 7.11
CA VAL A 38 -0.08 5.03 6.11
C VAL A 38 0.74 3.79 5.76
N ILE A 39 0.07 2.66 5.64
CA ILE A 39 0.73 1.46 5.18
C ILE A 39 0.03 0.89 3.95
N TRP A 40 0.82 0.10 3.19
CA TRP A 40 0.22 -0.82 2.19
C TRP A 40 0.47 -2.21 2.75
N PHE A 41 -0.60 -3.03 2.69
CA PHE A 41 -0.47 -4.44 3.08
C PHE A 41 -1.08 -5.28 1.95
N ARG A 42 -0.77 -6.56 1.95
CA ARG A 42 -1.21 -7.45 0.89
C ARG A 42 -1.67 -8.77 1.49
N GLN A 43 -2.61 -9.41 0.80
CA GLN A 43 -3.10 -10.70 1.22
C GLN A 43 -3.35 -11.58 0.04
N ALA A 44 -2.66 -12.71 0.03
CA ALA A 44 -2.93 -13.71 -1.00
C ALA A 44 -3.88 -14.82 -0.45
N PRO A 45 -4.71 -15.50 -1.29
CA PRO A 45 -5.68 -16.45 -0.74
C PRO A 45 -4.92 -17.53 0.08
N GLY A 46 -5.47 -17.85 1.24
CA GLY A 46 -4.82 -18.81 2.12
C GLY A 46 -3.46 -18.40 2.70
N LYS A 47 -3.19 -17.08 2.74
CA LYS A 47 -1.99 -16.57 3.43
C LYS A 47 -2.33 -15.45 4.41
N GLU A 48 -1.38 -15.19 5.30
CA GLU A 48 -1.59 -14.13 6.26
C GLU A 48 -1.25 -12.82 5.61
N ARG A 49 -1.98 -11.77 6.03
N ARG A 49 -1.94 -11.79 6.01
CA ARG A 49 -1.67 -10.33 5.70
CA ARG A 49 -1.58 -10.55 5.40
C ARG A 49 -0.17 -10.00 5.88
C ARG A 49 -0.17 -10.04 5.83
N GLU A 50 0.46 -9.33 4.91
CA GLU A 50 1.81 -8.87 5.05
C GLU A 50 1.88 -7.38 4.83
N ILE A 51 2.47 -6.63 5.73
CA ILE A 51 2.74 -5.18 5.48
C ILE A 51 3.93 -5.07 4.57
N VAL A 52 3.73 -4.42 3.42
CA VAL A 52 4.87 -4.26 2.50
C VAL A 52 5.54 -2.93 2.63
N SER A 53 4.83 -1.85 3.00
CA SER A 53 5.48 -0.55 3.10
C SER A 53 4.69 0.34 4.05
N GLY A 54 5.41 1.29 4.62
CA GLY A 54 4.72 2.32 5.43
C GLY A 54 5.41 3.67 5.22
N ILE A 55 4.69 4.74 5.56
CA ILE A 55 5.25 6.08 5.44
C ILE A 55 4.68 6.94 6.56
N SER A 56 5.55 7.79 7.10
CA SER A 56 5.10 8.88 7.98
C SER A 56 4.85 10.09 7.09
N LEU A 57 3.60 10.54 7.01
CA LEU A 57 3.27 11.67 6.17
C LEU A 57 3.81 12.94 6.66
N ARG A 58 4.02 13.04 7.97
CA ARG A 58 4.57 14.24 8.59
C ARG A 58 6.06 14.37 8.45
N LYS A 59 6.80 13.26 8.54
CA LYS A 59 8.29 13.31 8.59
C LYS A 59 8.95 12.72 7.34
N GLY A 60 8.26 11.86 6.60
CA GLY A 60 8.86 11.24 5.39
C GLY A 60 9.60 9.94 5.63
N TRP A 61 9.75 9.51 6.86
CA TRP A 61 10.25 8.19 7.18
C TRP A 61 9.47 7.11 6.43
N THR A 62 10.18 6.08 5.98
CA THR A 62 9.55 4.98 5.28
C THR A 62 9.95 3.62 5.84
N TYR A 63 9.10 2.63 5.62
CA TYR A 63 9.40 1.26 5.97
C TYR A 63 9.15 0.43 4.74
N TYR A 64 9.98 -0.59 4.51
CA TYR A 64 9.71 -1.58 3.44
C TYR A 64 9.97 -2.98 4.01
N ALA A 65 9.12 -3.93 3.66
CA ALA A 65 9.45 -5.31 3.90
C ALA A 65 10.75 -5.63 3.16
N ASP A 66 11.56 -6.52 3.72
CA ASP A 66 12.85 -6.82 3.11
C ASP A 66 12.72 -7.28 1.70
N SER A 67 11.69 -8.10 1.45
CA SER A 67 11.56 -8.69 0.11
C SER A 67 11.11 -7.73 -0.97
N VAL A 68 10.75 -6.49 -0.64
CA VAL A 68 10.36 -5.52 -1.65
C VAL A 68 11.38 -4.38 -1.72
N LYS A 69 12.38 -4.38 -0.83
CA LYS A 69 13.31 -3.29 -0.85
C LYS A 69 14.03 -3.23 -2.20
N GLY A 70 14.17 -2.02 -2.70
CA GLY A 70 14.77 -1.83 -4.02
C GLY A 70 13.83 -1.97 -5.18
N ARG A 71 12.63 -2.45 -4.93
CA ARG A 71 11.58 -2.70 -5.95
C ARG A 71 10.38 -1.83 -5.78
N PHE A 72 9.91 -1.65 -4.57
CA PHE A 72 8.73 -0.86 -4.29
C PHE A 72 9.13 0.47 -3.68
N THR A 73 8.39 1.54 -3.98
CA THR A 73 8.63 2.88 -3.39
C THR A 73 7.31 3.50 -3.00
N ILE A 74 7.20 3.94 -1.74
CA ILE A 74 5.96 4.58 -1.24
C ILE A 74 6.19 6.05 -1.31
N SER A 75 5.15 6.79 -1.65
CA SER A 75 5.26 8.26 -1.77
C SER A 75 3.89 8.87 -1.55
N GLN A 76 3.88 10.19 -1.38
CA GLN A 76 2.61 10.87 -1.13
C GLN A 76 2.38 12.08 -2.04
N ASP A 77 1.13 12.42 -2.29
CA ASP A 77 0.75 13.67 -2.96
C ASP A 77 -0.30 14.35 -2.12
N ASN A 78 0.09 15.39 -1.42
CA ASN A 78 -0.84 15.96 -0.47
C ASN A 78 -1.98 16.68 -1.18
N ALA A 79 -1.74 17.34 -2.34
CA ALA A 79 -2.87 18.03 -3.02
C ALA A 79 -3.96 17.05 -3.43
N LYS A 80 -3.56 15.80 -3.74
CA LYS A 80 -4.54 14.79 -4.14
C LYS A 80 -4.97 13.89 -2.93
N ASN A 81 -4.46 14.21 -1.73
CA ASN A 81 -4.68 13.43 -0.53
C ASN A 81 -4.52 11.94 -0.85
N THR A 82 -3.40 11.59 -1.50
CA THR A 82 -3.17 10.23 -2.03
C THR A 82 -1.79 9.75 -1.57
N VAL A 83 -1.67 8.44 -1.30
CA VAL A 83 -0.39 7.79 -1.14
C VAL A 83 -0.26 6.75 -2.26
N TYR A 84 0.93 6.71 -2.87
CA TYR A 84 1.17 5.76 -3.98
C TYR A 84 2.13 4.69 -3.60
N LEU A 85 1.99 3.52 -4.23
CA LEU A 85 3.02 2.46 -4.13
C LEU A 85 3.49 2.16 -5.55
N GLN A 86 4.73 2.59 -5.86
CA GLN A 86 5.33 2.22 -7.17
C GLN A 86 5.84 0.82 -7.01
N MET A 87 5.45 -0.09 -7.90
CA MET A 87 5.98 -1.47 -7.84
C MET A 87 6.73 -1.74 -9.12
N ASN A 88 8.06 -1.87 -9.03
CA ASN A 88 8.90 -2.17 -10.15
C ASN A 88 9.48 -3.59 -10.01
N ASN A 89 9.91 -4.15 -11.13
CA ASN A 89 10.54 -5.50 -11.08
C ASN A 89 9.59 -6.47 -10.35
N LEU A 90 8.32 -6.53 -10.76
CA LEU A 90 7.33 -7.38 -10.07
C LEU A 90 7.68 -8.84 -10.22
N LYS A 91 7.32 -9.62 -9.22
CA LYS A 91 7.65 -11.05 -9.17
C LYS A 91 6.39 -11.85 -8.89
N PRO A 92 6.35 -13.14 -9.31
CA PRO A 92 5.17 -13.95 -9.04
C PRO A 92 4.75 -13.91 -7.58
N GLU A 93 5.71 -13.88 -6.65
CA GLU A 93 5.43 -13.82 -5.22
C GLU A 93 4.71 -12.56 -4.75
N ASP A 94 4.64 -11.53 -5.61
CA ASP A 94 3.94 -10.32 -5.28
C ASP A 94 2.45 -10.40 -5.58
N THR A 95 1.97 -11.49 -6.20
CA THR A 95 0.58 -11.64 -6.52
C THR A 95 -0.29 -11.62 -5.26
N ALA A 96 -1.29 -10.76 -5.15
CA ALA A 96 -2.12 -10.65 -3.94
C ALA A 96 -3.16 -9.55 -4.17
N MET A 97 -4.12 -9.44 -3.26
CA MET A 97 -4.87 -8.21 -3.07
C MET A 97 -4.09 -7.21 -2.22
N TYR A 98 -4.04 -5.96 -2.65
CA TYR A 98 -3.35 -4.91 -1.93
C TYR A 98 -4.35 -3.91 -1.36
N TYR A 99 -4.05 -3.50 -0.10
CA TYR A 99 -4.94 -2.57 0.66
C TYR A 99 -4.05 -1.51 1.25
N CYS A 100 -4.65 -0.35 1.51
CA CYS A 100 -3.92 0.62 2.30
C CYS A 100 -4.67 0.91 3.61
N ALA A 101 -3.96 1.38 4.63
CA ALA A 101 -4.58 1.60 5.95
C ALA A 101 -3.82 2.72 6.59
N ALA A 102 -4.43 3.33 7.65
CA ALA A 102 -3.77 4.50 8.27
C ALA A 102 -4.00 4.51 9.76
N ALA A 103 -3.13 5.21 10.47
CA ALA A 103 -3.28 5.27 11.94
C ALA A 103 -2.63 6.58 12.40
N PRO A 104 -2.99 7.03 13.62
CA PRO A 104 -2.35 8.26 14.18
C PRO A 104 -1.00 7.97 14.74
N THR A 105 -0.68 6.70 15.01
CA THR A 105 0.61 6.37 15.63
C THR A 105 1.20 5.17 14.88
N ALA A 106 2.46 4.87 15.19
CA ALA A 106 3.17 3.82 14.45
C ALA A 106 3.66 2.71 15.37
N THR A 107 2.93 2.49 16.48
CA THR A 107 3.34 1.47 17.42
C THR A 107 2.80 0.07 17.17
N HIS A 108 1.59 -0.07 16.61
CA HIS A 108 0.93 -1.39 16.52
C HIS A 108 0.21 -1.52 15.18
N ALA A 109 0.46 -2.64 14.52
CA ALA A 109 -0.28 -2.91 13.30
C ALA A 109 -1.78 -2.90 13.49
N LEU A 110 -2.23 -3.37 14.67
CA LEU A 110 -3.64 -3.48 14.96
C LEU A 110 -4.39 -2.17 14.90
N TYR A 111 -3.68 -1.04 15.10
CA TYR A 111 -4.37 0.25 15.11
C TYR A 111 -4.57 0.84 13.73
N PHE A 112 -3.96 0.26 12.70
CA PHE A 112 -4.22 0.74 11.32
C PHE A 112 -5.60 0.34 10.86
N ASP A 113 -6.26 1.26 10.18
CA ASP A 113 -7.67 1.06 9.88
C ASP A 113 -8.00 1.71 8.53
N TYR A 114 -9.29 1.57 8.14
CA TYR A 114 -9.87 2.40 7.06
C TYR A 114 -9.56 1.91 5.65
N TRP A 115 -9.03 0.69 5.53
CA TRP A 115 -8.80 0.13 4.18
C TRP A 115 -10.10 0.05 3.40
N GLY A 116 -9.96 0.08 2.08
CA GLY A 116 -11.11 -0.06 1.17
C GLY A 116 -11.28 -1.48 0.70
N GLN A 117 -11.75 -1.60 -0.55
CA GLN A 117 -11.99 -2.90 -1.21
C GLN A 117 -10.72 -3.50 -1.80
N GLY A 118 -9.63 -2.73 -1.78
CA GLY A 118 -8.35 -3.29 -2.26
C GLY A 118 -8.28 -3.27 -3.78
N THR A 119 -7.11 -3.66 -4.28
CA THR A 119 -6.92 -3.79 -5.69
C THR A 119 -6.03 -5.01 -5.94
N GLN A 120 -6.36 -5.80 -6.97
CA GLN A 120 -5.70 -7.07 -7.24
C GLN A 120 -4.42 -6.82 -8.07
N VAL A 121 -3.29 -7.47 -7.68
CA VAL A 121 -2.07 -7.45 -8.47
C VAL A 121 -1.78 -8.91 -8.83
N THR A 122 -1.61 -9.19 -10.13
CA THR A 122 -1.26 -10.56 -10.56
C THR A 122 -0.04 -10.55 -11.41
N VAL A 123 0.98 -11.33 -11.07
CA VAL A 123 2.24 -11.30 -11.78
C VAL A 123 2.42 -12.71 -12.31
N SER A 124 2.42 -12.83 -13.65
CA SER A 124 2.61 -14.14 -14.33
C SER A 124 2.92 -13.92 -15.82
C1 BEN B . -3.72 10.46 4.35
C2 BEN B . -3.40 10.62 2.96
C3 BEN B . -3.49 9.43 2.19
C4 BEN B . -3.84 8.20 2.73
C5 BEN B . -4.14 8.10 4.09
C6 BEN B . -4.03 9.24 4.91
C BEN B . -3.65 11.63 5.16
N1 BEN B . -3.92 12.83 4.68
N2 BEN B . -3.29 11.57 6.48
C1 EDO C . -0.99 14.37 8.58
O1 EDO C . -2.26 13.86 8.01
C2 EDO C . -0.02 14.86 7.49
O2 EDO C . 0.51 16.14 7.28
#